data_1LUX
#
_entry.id   1LUX
#
_entity_poly.entity_id   1
_entity_poly.type   'polyribonucleotide'
_entity_poly.pdbx_seq_one_letter_code
;CCAGA(OMC)U(OMG)AAGAU(5MC)UGG
;
_entity_poly.pdbx_strand_id   A
#